data_5FBF
#
_entry.id   5FBF
#
_cell.length_a   53.742
_cell.length_b   62.388
_cell.length_c   62.762
_cell.angle_alpha   90.00
_cell.angle_beta   90.00
_cell.angle_gamma   90.00
#
_symmetry.space_group_name_H-M   'P 21 21 21'
#
loop_
_entity.id
_entity.type
_entity.pdbx_description
1 polymer 'Nuclease S1'
2 non-polymer 'ZINC ION'
3 non-polymer 2-acetamido-2-deoxy-beta-D-glucopyranose
4 non-polymer "2'-DEOXYCYTIDINE-5'-MONOPHOSPHATE"
5 non-polymer 'SODIUM ION'
6 water water
#
_entity_poly.entity_id   1
_entity_poly.type   'polypeptide(L)'
_entity_poly.pdbx_seq_one_letter_code
;WGNLGHETVAYIAQSFVASSTESFCQNILGDDSTSYLANVATWADTYKYTDAGEFSKPYHFIDAQDNPPQSCGVDYDRDC
GSAGCSISAIQNYTNILLESPNGSEALNALKFVVHIIGDIHQPLHDENLEAGGNGIDVTYDGETTNLHHIWDTNMPEEAA
GGYSLSVAKTYADLLTERIKTGTYSSKKDSWTDGIDIKDPVSTSMIWAADANTYVCSTVLDDGLAYINSTDLSGEYYDKS
QPVFEELIAKAGYRLAAWLDLIASQPS
;
_entity_poly.pdbx_strand_id   A
#
loop_
_chem_comp.id
_chem_comp.type
_chem_comp.name
_chem_comp.formula
DCM non-polymer 2'-DEOXYCYTIDINE-5'-MONOPHOSPHATE 'C9 H14 N3 O7 P'
NA non-polymer 'SODIUM ION' 'Na 1'
NAG D-saccharide, beta linking 2-acetamido-2-deoxy-beta-D-glucopyranose 'C8 H15 N O6'
ZN non-polymer 'ZINC ION' 'Zn 2'
#
# COMPACT_ATOMS: atom_id res chain seq x y z
N TRP A 1 -3.43 2.68 4.23
CA TRP A 1 -3.86 4.05 3.94
C TRP A 1 -5.34 4.19 4.20
N GLY A 2 -5.80 5.43 4.37
CA GLY A 2 -7.20 5.71 4.28
C GLY A 2 -7.71 5.69 2.84
N ASN A 3 -8.95 6.11 2.68
CA ASN A 3 -9.61 6.00 1.38
C ASN A 3 -8.85 6.75 0.29
N LEU A 4 -8.49 8.01 0.55
CA LEU A 4 -7.79 8.78 -0.47
C LEU A 4 -6.49 8.10 -0.89
N GLY A 5 -5.72 7.60 0.06
CA GLY A 5 -4.48 6.94 -0.30
C GLY A 5 -4.71 5.70 -1.16
N HIS A 6 -5.68 4.87 -0.81
CA HIS A 6 -5.96 3.69 -1.67
C HIS A 6 -6.41 4.08 -3.07
N GLU A 7 -7.27 5.10 -3.18
CA GLU A 7 -7.70 5.57 -4.49
C GLU A 7 -6.52 6.08 -5.30
N THR A 8 -5.63 6.82 -4.64
CA THR A 8 -4.47 7.38 -5.32
C THR A 8 -3.57 6.27 -5.85
N VAL A 9 -3.27 5.28 -5.01
CA VAL A 9 -2.49 4.12 -5.42
C VAL A 9 -3.12 3.46 -6.65
N ALA A 10 -4.45 3.26 -6.61
CA ALA A 10 -5.15 2.60 -7.72
C ALA A 10 -5.08 3.43 -8.98
N TYR A 11 -5.33 4.73 -8.92
CA TYR A 11 -5.24 5.56 -10.12
C TYR A 11 -3.82 5.55 -10.70
N ILE A 12 -2.79 5.59 -9.86
CA ILE A 12 -1.42 5.50 -10.34
C ILE A 12 -1.27 4.17 -11.13
N ALA A 13 -1.71 3.08 -10.53
CA ALA A 13 -1.57 1.79 -11.22
C ALA A 13 -2.29 1.79 -12.57
N GLN A 14 -3.50 2.37 -12.61
CA GLN A 14 -4.23 2.42 -13.90
C GLN A 14 -3.42 3.12 -14.96
N SER A 15 -2.63 4.14 -14.59
CA SER A 15 -1.86 4.89 -15.56
C SER A 15 -0.63 4.15 -16.10
N PHE A 16 -0.18 3.09 -15.43
CA PHE A 16 1.04 2.39 -15.81
C PHE A 16 0.86 0.95 -16.27
N VAL A 17 -0.30 0.34 -16.04
CA VAL A 17 -0.51 -1.01 -16.57
C VAL A 17 -0.55 -1.01 -18.08
N ALA A 18 -0.16 -2.13 -18.68
CA ALA A 18 -0.37 -2.35 -20.10
C ALA A 18 -1.84 -2.47 -20.44
N SER A 19 -2.20 -2.19 -21.70
CA SER A 19 -3.59 -2.34 -22.11
C SER A 19 -4.18 -3.74 -21.89
N SER A 20 -3.38 -4.79 -22.14
CA SER A 20 -3.92 -6.12 -21.93
C SER A 20 -4.15 -6.38 -20.45
N THR A 21 -3.36 -5.74 -19.58
CA THR A 21 -3.57 -5.84 -18.16
C THR A 21 -4.86 -5.14 -17.75
N GLU A 22 -5.09 -3.93 -18.27
CA GLU A 22 -6.33 -3.26 -18.06
C GLU A 22 -7.52 -4.17 -18.42
N SER A 23 -7.49 -4.77 -19.60
CA SER A 23 -8.59 -5.63 -20.04
CA SER A 23 -8.65 -5.56 -19.99
C SER A 23 -8.76 -6.83 -19.12
N PHE A 24 -7.64 -7.46 -18.75
CA PHE A 24 -7.66 -8.61 -17.83
C PHE A 24 -8.39 -8.25 -16.52
N CYS A 25 -8.04 -7.10 -15.96
CA CYS A 25 -8.63 -6.63 -14.68
C CYS A 25 -10.09 -6.23 -14.84
N GLN A 26 -10.40 -5.48 -15.90
CA GLN A 26 -11.77 -5.07 -16.12
C GLN A 26 -12.69 -6.27 -16.30
N ASN A 27 -12.19 -7.31 -16.97
CA ASN A 27 -13.00 -8.50 -17.17
C ASN A 27 -13.33 -9.19 -15.84
N ILE A 28 -12.36 -9.27 -14.95
CA ILE A 28 -12.61 -9.84 -13.63
C ILE A 28 -13.58 -8.99 -12.80
N LEU A 29 -13.36 -7.67 -12.83
CA LEU A 29 -14.10 -6.78 -11.98
C LEU A 29 -15.50 -6.47 -12.48
N GLY A 30 -15.77 -6.72 -13.76
CA GLY A 30 -17.08 -6.36 -14.33
C GLY A 30 -17.27 -4.84 -14.36
N ASP A 31 -16.19 -4.10 -14.63
CA ASP A 31 -16.15 -2.62 -14.62
C ASP A 31 -15.13 -2.18 -15.65
N ASP A 32 -15.56 -1.43 -16.68
CA ASP A 32 -14.59 -0.84 -17.64
CA ASP A 32 -14.64 -0.85 -17.68
C ASP A 32 -14.62 0.68 -17.62
N SER A 33 -15.02 1.21 -16.48
CA SER A 33 -14.99 2.63 -16.29
C SER A 33 -13.57 3.15 -16.15
N THR A 34 -13.46 4.47 -16.19
CA THR A 34 -12.25 5.28 -15.97
CA THR A 34 -12.09 4.93 -16.07
C THR A 34 -11.67 5.04 -14.57
N SER A 35 -12.47 4.46 -13.67
CA SER A 35 -12.09 4.25 -12.28
C SER A 35 -12.14 2.77 -11.89
N TYR A 36 -11.90 1.86 -12.82
CA TYR A 36 -12.08 0.45 -12.51
C TYR A 36 -11.28 -0.08 -11.33
N LEU A 37 -10.02 0.35 -11.14
CA LEU A 37 -9.30 -0.05 -9.93
C LEU A 37 -9.65 0.85 -8.76
N ALA A 38 -9.79 2.15 -8.98
CA ALA A 38 -10.09 3.05 -7.84
C ALA A 38 -11.42 2.67 -7.17
N ASN A 39 -12.40 2.20 -7.95
CA ASN A 39 -13.72 1.84 -7.44
C ASN A 39 -13.73 0.67 -6.49
N VAL A 40 -12.65 -0.11 -6.46
CA VAL A 40 -12.55 -1.26 -5.60
C VAL A 40 -11.40 -1.13 -4.60
N ALA A 41 -10.68 0.00 -4.60
CA ALA A 41 -9.43 0.10 -3.85
C ALA A 41 -9.59 0.04 -2.34
N THR A 42 -10.73 0.53 -1.87
N THR A 42 -10.71 0.53 -1.84
CA THR A 42 -10.96 0.62 -0.43
CA THR A 42 -10.93 0.53 -0.39
C THR A 42 -11.85 -0.55 0.05
C THR A 42 -11.78 -0.64 0.07
N TRP A 43 -12.38 -1.36 -0.87
CA TRP A 43 -13.32 -2.44 -0.56
C TRP A 43 -12.87 -3.34 0.59
N ALA A 44 -11.60 -3.75 0.57
CA ALA A 44 -11.15 -4.73 1.55
C ALA A 44 -11.30 -4.17 3.01
N ASP A 45 -11.20 -2.86 3.19
CA ASP A 45 -11.35 -2.27 4.52
C ASP A 45 -12.80 -2.23 5.00
N THR A 46 -13.73 -2.21 4.06
N THR A 46 -13.81 -2.20 4.11
CA THR A 46 -15.11 -2.20 4.34
CA THR A 46 -15.21 -2.37 4.58
C THR A 46 -15.59 -3.67 4.65
C THR A 46 -15.54 -3.81 4.80
N TYR A 47 -15.07 -4.64 3.87
CA TYR A 47 -15.39 -6.04 3.96
C TYR A 47 -14.88 -6.74 5.23
N LYS A 48 -13.69 -6.33 5.68
CA LYS A 48 -13.05 -7.03 6.77
C LYS A 48 -13.80 -6.94 8.09
N TYR A 49 -14.62 -5.90 8.24
CA TYR A 49 -15.37 -5.67 9.47
C TYR A 49 -16.75 -6.28 9.42
N THR A 50 -16.83 -7.53 8.94
CA THR A 50 -18.04 -8.32 8.90
C THR A 50 -17.72 -9.75 9.31
N ASP A 51 -18.73 -10.50 9.74
CA ASP A 51 -18.54 -11.91 10.03
C ASP A 51 -17.87 -12.65 8.84
N ALA A 52 -18.37 -12.41 7.62
CA ALA A 52 -17.83 -13.08 6.46
C ALA A 52 -16.38 -12.75 6.19
N GLY A 53 -16.01 -11.49 6.45
CA GLY A 53 -14.71 -11.00 6.05
C GLY A 53 -13.67 -10.90 7.15
N GLU A 54 -14.00 -11.20 8.40
CA GLU A 54 -13.07 -10.96 9.50
C GLU A 54 -11.78 -11.73 9.38
N PHE A 55 -11.81 -12.91 8.75
CA PHE A 55 -10.57 -13.68 8.53
C PHE A 55 -9.52 -12.87 7.81
N SER A 56 -9.93 -11.85 7.05
CA SER A 56 -9.01 -11.08 6.26
C SER A 56 -8.42 -9.86 6.95
N LYS A 57 -8.88 -9.55 8.17
CA LYS A 57 -8.28 -8.41 8.89
C LYS A 57 -6.76 -8.48 9.00
N PRO A 58 -6.17 -9.65 9.35
CA PRO A 58 -4.72 -9.71 9.47
C PRO A 58 -3.96 -9.44 8.19
N TYR A 59 -4.65 -9.60 7.05
CA TYR A 59 -4.01 -9.53 5.76
C TYR A 59 -3.59 -8.13 5.35
N HIS A 60 -3.93 -7.14 6.19
CA HIS A 60 -3.66 -5.74 5.87
C HIS A 60 -2.27 -5.28 6.34
N PHE A 61 -1.56 -6.10 7.08
CA PHE A 61 -0.32 -5.63 7.74
C PHE A 61 0.58 -6.81 8.05
N ILE A 62 1.81 -6.49 8.47
CA ILE A 62 2.70 -7.49 8.99
C ILE A 62 3.34 -6.85 10.25
N ASP A 63 3.11 -7.47 11.39
CA ASP A 63 3.49 -6.87 12.69
C ASP A 63 4.96 -7.17 12.99
N ALA A 64 5.86 -6.41 12.35
CA ALA A 64 7.28 -6.62 12.53
C ALA A 64 7.69 -6.42 13.98
N GLN A 65 8.34 -7.45 14.52
CA GLN A 65 8.77 -7.45 15.92
CA GLN A 65 8.79 -7.48 15.92
C GLN A 65 10.20 -6.91 16.06
N ASP A 66 10.37 -5.69 15.59
CA ASP A 66 11.66 -4.99 15.66
C ASP A 66 11.67 -4.04 16.87
N ASN A 67 12.55 -3.03 16.88
CA ASN A 67 12.69 -2.17 18.09
C ASN A 67 12.92 -0.72 17.67
N PRO A 68 11.90 -0.09 17.06
CA PRO A 68 12.11 1.21 16.50
C PRO A 68 12.08 2.29 17.56
N PRO A 69 12.76 3.40 17.35
CA PRO A 69 13.48 3.75 16.12
C PRO A 69 14.92 3.27 16.02
N GLN A 70 15.41 2.59 17.04
N GLN A 70 15.46 2.69 17.08
CA GLN A 70 16.80 2.17 16.98
CA GLN A 70 16.90 2.40 17.03
C GLN A 70 17.09 0.92 16.16
C GLN A 70 17.23 1.28 16.01
N SER A 71 16.08 0.08 15.93
N SER A 71 16.35 0.27 15.93
CA SER A 71 16.32 -1.10 15.14
CA SER A 71 16.53 -0.81 14.93
C SER A 71 15.09 -1.40 14.32
C SER A 71 15.22 -1.35 14.31
N CYS A 72 15.19 -1.45 12.99
CA CYS A 72 14.07 -1.85 12.17
C CYS A 72 14.43 -3.06 11.36
N GLY A 73 13.45 -3.95 11.17
CA GLY A 73 13.57 -5.06 10.26
C GLY A 73 12.32 -5.92 10.27
N VAL A 74 12.13 -6.64 9.16
CA VAL A 74 10.97 -7.54 8.97
C VAL A 74 11.49 -8.92 8.64
N ASP A 75 10.89 -9.95 9.23
CA ASP A 75 11.27 -11.31 8.97
C ASP A 75 9.94 -12.08 8.81
N TYR A 76 9.71 -12.64 7.62
CA TYR A 76 8.41 -13.22 7.33
C TYR A 76 8.00 -14.27 8.36
N ASP A 77 8.84 -15.23 8.70
N ASP A 77 8.93 -15.14 8.66
CA ASP A 77 8.40 -16.25 9.69
CA ASP A 77 8.72 -16.26 9.54
C ASP A 77 8.19 -15.64 11.05
C ASP A 77 8.42 -15.82 10.99
N ARG A 78 9.12 -14.79 11.46
CA ARG A 78 8.97 -14.24 12.78
C ARG A 78 7.66 -13.43 12.94
N ASP A 79 7.33 -12.67 11.89
CA ASP A 79 6.39 -11.59 11.98
C ASP A 79 5.02 -11.83 11.39
N CYS A 80 4.89 -12.76 10.45
CA CYS A 80 3.58 -12.89 9.78
C CYS A 80 2.49 -13.35 10.74
N GLY A 81 2.75 -14.46 11.44
CA GLY A 81 1.83 -15.05 12.36
C GLY A 81 0.91 -16.05 11.72
N SER A 82 0.36 -16.93 12.54
CA SER A 82 -0.43 -18.06 12.01
C SER A 82 -1.76 -17.61 11.38
N ALA A 83 -2.30 -16.46 11.80
CA ALA A 83 -3.54 -15.95 11.21
C ALA A 83 -3.28 -15.26 9.86
N GLY A 84 -2.02 -15.18 9.43
CA GLY A 84 -1.69 -14.59 8.16
C GLY A 84 -1.35 -13.11 8.27
N CYS A 85 -0.96 -12.53 7.15
CA CYS A 85 -0.44 -11.18 7.10
C CYS A 85 -0.49 -10.68 5.67
N SER A 86 -0.07 -9.44 5.45
CA SER A 86 -0.06 -8.87 4.10
C SER A 86 0.72 -9.76 3.15
N ILE A 87 1.88 -10.25 3.57
CA ILE A 87 2.76 -11.03 2.70
C ILE A 87 2.09 -12.37 2.34
N SER A 88 1.55 -13.09 3.32
CA SER A 88 0.91 -14.37 3.04
C SER A 88 -0.31 -14.17 2.15
N ALA A 89 -1.01 -13.07 2.30
CA ALA A 89 -2.19 -12.77 1.49
C ALA A 89 -1.78 -12.45 0.05
N ILE A 90 -0.71 -11.68 -0.15
CA ILE A 90 -0.26 -11.45 -1.51
C ILE A 90 0.08 -12.79 -2.16
N GLN A 91 0.72 -13.72 -1.45
CA GLN A 91 0.96 -15.04 -2.03
C GLN A 91 -0.35 -15.74 -2.38
N ASN A 92 -1.27 -15.81 -1.43
CA ASN A 92 -2.50 -16.56 -1.66
C ASN A 92 -3.29 -16.01 -2.82
N TYR A 93 -3.53 -14.69 -2.81
CA TYR A 93 -4.42 -14.09 -3.80
C TYR A 93 -3.75 -13.97 -5.15
N THR A 94 -2.43 -13.75 -5.19
CA THR A 94 -1.72 -13.82 -6.45
C THR A 94 -1.87 -15.23 -7.05
N ASN A 95 -1.64 -16.25 -6.23
CA ASN A 95 -1.71 -17.59 -6.78
CA ASN A 95 -1.75 -17.68 -6.64
C ASN A 95 -3.12 -17.96 -7.22
N ILE A 96 -4.17 -17.48 -6.56
CA ILE A 96 -5.53 -17.67 -7.06
C ILE A 96 -5.67 -17.05 -8.45
N LEU A 97 -5.14 -15.84 -8.64
CA LEU A 97 -5.25 -15.18 -9.94
C LEU A 97 -4.41 -15.85 -11.03
N LEU A 98 -3.30 -16.50 -10.65
CA LEU A 98 -2.46 -17.22 -11.62
C LEU A 98 -3.04 -18.57 -11.98
N GLU A 99 -3.79 -19.20 -11.08
CA GLU A 99 -4.35 -20.55 -11.28
CA GLU A 99 -4.29 -20.53 -11.36
C GLU A 99 -5.77 -20.52 -11.75
N SER A 100 -6.55 -19.59 -11.22
CA SER A 100 -8.00 -19.53 -11.33
C SER A 100 -8.53 -18.14 -11.67
N PRO A 101 -7.99 -17.49 -12.69
CA PRO A 101 -8.32 -16.10 -12.95
C PRO A 101 -9.79 -15.77 -13.29
N ASN A 102 -10.56 -16.76 -13.76
N ASN A 102 -10.46 -16.83 -13.81
CA ASN A 102 -11.96 -16.48 -14.04
CA ASN A 102 -11.88 -16.86 -14.25
C ASN A 102 -12.89 -17.43 -13.25
C ASN A 102 -12.88 -17.35 -13.19
N GLY A 103 -12.38 -18.01 -12.14
CA GLY A 103 -13.21 -18.68 -11.19
C GLY A 103 -13.87 -17.70 -10.23
N SER A 104 -14.70 -18.24 -9.33
CA SER A 104 -15.47 -17.37 -8.44
C SER A 104 -14.64 -16.58 -7.42
N GLU A 105 -13.44 -17.05 -7.12
CA GLU A 105 -12.55 -16.40 -6.14
CA GLU A 105 -12.60 -16.38 -6.12
C GLU A 105 -11.78 -15.24 -6.71
N ALA A 106 -11.71 -15.11 -8.04
CA ALA A 106 -10.81 -14.15 -8.68
C ALA A 106 -11.17 -12.71 -8.35
N LEU A 107 -12.46 -12.38 -8.29
CA LEU A 107 -12.88 -11.02 -8.09
C LEU A 107 -12.33 -10.51 -6.73
N ASN A 108 -12.61 -11.25 -5.67
CA ASN A 108 -12.09 -10.80 -4.37
C ASN A 108 -10.56 -10.83 -4.35
N ALA A 109 -9.95 -11.84 -4.99
CA ALA A 109 -8.49 -11.91 -5.01
C ALA A 109 -7.89 -10.64 -5.60
N LEU A 110 -8.45 -10.16 -6.73
CA LEU A 110 -7.95 -8.96 -7.36
C LEU A 110 -8.17 -7.73 -6.45
N LYS A 111 -9.35 -7.62 -5.85
CA LYS A 111 -9.58 -6.50 -4.95
C LYS A 111 -8.62 -6.54 -3.77
N PHE A 112 -8.30 -7.72 -3.27
CA PHE A 112 -7.31 -7.85 -2.19
C PHE A 112 -5.94 -7.39 -2.66
N VAL A 113 -5.48 -7.81 -3.83
CA VAL A 113 -4.17 -7.41 -4.31
C VAL A 113 -4.07 -5.88 -4.47
N VAL A 114 -5.09 -5.27 -5.08
CA VAL A 114 -5.09 -3.83 -5.28
C VAL A 114 -4.96 -3.11 -3.92
N HIS A 115 -5.72 -3.57 -2.94
CA HIS A 115 -5.71 -2.91 -1.64
C HIS A 115 -4.39 -3.15 -0.87
N ILE A 116 -4.00 -4.44 -0.78
CA ILE A 116 -2.91 -4.82 0.11
C ILE A 116 -1.58 -4.32 -0.40
N ILE A 117 -1.33 -4.31 -1.71
CA ILE A 117 -0.09 -3.70 -2.16
C ILE A 117 -0.04 -2.24 -1.69
N GLY A 118 -1.17 -1.52 -1.75
CA GLY A 118 -1.20 -0.21 -1.13
C GLY A 118 -0.83 -0.22 0.37
N ASP A 119 -1.49 -1.06 1.15
CA ASP A 119 -1.23 -1.09 2.61
C ASP A 119 0.21 -1.41 2.95
N ILE A 120 0.86 -2.31 2.19
CA ILE A 120 2.24 -2.69 2.51
C ILE A 120 3.14 -1.45 2.53
N HIS A 121 2.82 -0.44 1.70
CA HIS A 121 3.66 0.76 1.60
C HIS A 121 3.43 1.82 2.69
N GLN A 122 2.42 1.62 3.54
CA GLN A 122 2.25 2.52 4.68
C GLN A 122 3.13 1.95 5.79
N PRO A 123 4.23 2.64 6.17
CA PRO A 123 5.21 1.98 7.06
C PRO A 123 4.66 1.37 8.34
N LEU A 124 3.64 1.99 8.96
CA LEU A 124 3.09 1.42 10.17
C LEU A 124 2.27 0.15 9.96
N HIS A 125 1.97 -0.18 8.70
CA HIS A 125 1.47 -1.51 8.33
C HIS A 125 2.56 -2.56 8.28
N ASP A 126 3.79 -2.19 8.63
CA ASP A 126 4.94 -3.09 8.69
C ASP A 126 5.64 -2.97 10.04
N GLU A 127 4.86 -2.85 11.12
CA GLU A 127 5.43 -2.57 12.45
C GLU A 127 4.47 -3.07 13.51
N ASN A 128 4.97 -3.83 14.49
CA ASN A 128 4.13 -4.29 15.59
C ASN A 128 3.76 -3.23 16.61
N LEU A 129 4.71 -2.33 16.92
CA LEU A 129 4.59 -1.48 18.12
C LEU A 129 3.21 -0.86 18.23
N GLU A 130 2.56 -1.08 19.39
CA GLU A 130 1.28 -0.44 19.69
C GLU A 130 0.26 -0.67 18.57
N ALA A 131 0.22 -1.93 18.11
CA ALA A 131 -0.69 -2.35 17.04
C ALA A 131 -0.53 -1.47 15.80
N GLY A 132 0.70 -1.40 15.30
CA GLY A 132 0.96 -0.56 14.16
C GLY A 132 0.75 0.91 14.41
N GLY A 133 1.05 1.35 15.65
CA GLY A 133 0.87 2.75 16.03
C GLY A 133 -0.54 3.18 16.38
N ASN A 134 -1.52 2.27 16.28
CA ASN A 134 -2.89 2.60 16.70
C ASN A 134 -3.01 2.96 18.17
N GLY A 135 -2.13 2.40 18.99
CA GLY A 135 -2.15 2.69 20.41
C GLY A 135 -1.45 3.97 20.81
N ILE A 136 -0.83 4.69 19.88
CA ILE A 136 -0.08 5.94 20.19
C ILE A 136 -1.00 7.11 19.94
N ASP A 137 -1.63 7.66 20.98
CA ASP A 137 -2.48 8.80 20.81
C ASP A 137 -1.63 10.03 20.50
N VAL A 138 -2.07 10.86 19.59
CA VAL A 138 -1.38 12.07 19.20
C VAL A 138 -2.40 13.18 18.97
N THR A 139 -1.90 14.42 18.84
CA THR A 139 -2.74 15.53 18.45
C THR A 139 -2.33 15.98 17.04
N TYR A 140 -3.31 16.17 16.17
CA TYR A 140 -3.07 16.62 14.81
C TYR A 140 -3.99 17.79 14.51
N ASP A 141 -3.44 18.98 14.32
N ASP A 141 -3.44 18.99 14.31
CA ASP A 141 -4.20 20.21 14.18
CA ASP A 141 -4.23 20.21 14.15
C ASP A 141 -5.33 20.28 15.20
C ASP A 141 -5.35 20.29 15.20
N GLY A 142 -4.96 20.02 16.44
CA GLY A 142 -5.85 20.15 17.60
C GLY A 142 -6.75 18.98 17.86
N GLU A 143 -6.81 18.01 16.95
CA GLU A 143 -7.67 16.85 17.12
C GLU A 143 -6.92 15.70 17.75
N THR A 144 -7.55 15.02 18.71
CA THR A 144 -6.99 13.79 19.25
C THR A 144 -7.26 12.63 18.30
N THR A 145 -6.19 11.96 17.93
CA THR A 145 -6.23 10.83 17.01
C THR A 145 -5.09 9.90 17.41
N ASN A 146 -4.60 9.08 16.48
CA ASN A 146 -3.48 8.20 16.78
C ASN A 146 -2.51 8.20 15.62
N LEU A 147 -1.30 7.72 15.92
CA LEU A 147 -0.21 7.83 14.94
C LEU A 147 -0.49 7.05 13.66
N HIS A 148 -1.09 5.87 13.79
CA HIS A 148 -1.51 5.11 12.61
C HIS A 148 -2.41 5.96 11.71
N HIS A 149 -3.42 6.55 12.32
CA HIS A 149 -4.42 7.27 11.58
C HIS A 149 -3.81 8.49 10.85
N ILE A 150 -2.84 9.19 11.43
CA ILE A 150 -2.31 10.34 10.72
C ILE A 150 -1.52 9.92 9.46
N TRP A 151 -0.85 8.78 9.55
CA TRP A 151 -0.15 8.24 8.37
C TRP A 151 -1.18 7.74 7.31
N ASP A 152 -2.24 7.07 7.77
CA ASP A 152 -3.23 6.61 6.81
C ASP A 152 -3.94 7.76 6.12
N THR A 153 -4.33 8.77 6.89
CA THR A 153 -5.40 9.69 6.52
C THR A 153 -5.07 11.15 6.70
N ASN A 154 -4.77 11.62 7.95
CA ASN A 154 -4.67 13.06 8.12
C ASN A 154 -3.60 13.69 7.24
N MET A 155 -2.41 13.07 7.22
CA MET A 155 -1.30 13.68 6.49
C MET A 155 -1.49 13.57 4.96
N PRO A 156 -1.88 12.39 4.40
CA PRO A 156 -2.12 12.35 2.95
C PRO A 156 -3.21 13.32 2.49
N GLU A 157 -4.31 13.43 3.27
CA GLU A 157 -5.35 14.38 2.89
C GLU A 157 -4.85 15.83 2.94
N GLU A 158 -4.06 16.18 3.97
CA GLU A 158 -3.50 17.51 3.99
C GLU A 158 -2.65 17.79 2.74
N ALA A 159 -1.79 16.82 2.41
CA ALA A 159 -0.88 16.99 1.28
C ALA A 159 -1.62 17.09 -0.06
N ALA A 160 -2.68 16.27 -0.20
CA ALA A 160 -3.46 16.27 -1.42
C ALA A 160 -4.37 17.49 -1.51
N GLY A 161 -4.66 18.13 -0.37
CA GLY A 161 -5.51 19.28 -0.33
C GLY A 161 -6.98 18.99 -0.17
N GLY A 162 -7.35 17.83 0.37
CA GLY A 162 -8.75 17.48 0.54
C GLY A 162 -8.91 15.98 0.65
N TYR A 163 -10.15 15.53 0.44
CA TYR A 163 -10.50 14.14 0.69
C TYR A 163 -11.29 13.46 -0.42
N SER A 164 -11.86 14.25 -1.33
CA SER A 164 -12.83 13.76 -2.32
C SER A 164 -12.12 13.05 -3.46
N LEU A 165 -12.93 12.41 -4.29
CA LEU A 165 -12.40 11.65 -5.39
C LEU A 165 -11.61 12.51 -6.37
N SER A 166 -12.12 13.71 -6.69
CA SER A 166 -11.43 14.56 -7.63
C SER A 166 -10.07 14.97 -7.05
N VAL A 167 -10.02 15.15 -5.74
CA VAL A 167 -8.77 15.49 -5.08
C VAL A 167 -7.76 14.31 -5.13
N ALA A 168 -8.27 13.11 -4.91
CA ALA A 168 -7.44 11.92 -5.05
C ALA A 168 -6.92 11.74 -6.48
N LYS A 169 -7.77 11.94 -7.48
CA LYS A 169 -7.34 11.80 -8.86
C LYS A 169 -6.26 12.82 -9.21
N THR A 170 -6.43 14.08 -8.80
CA THR A 170 -5.42 15.11 -9.03
C THR A 170 -4.10 14.74 -8.36
N TYR A 171 -4.17 14.17 -7.16
CA TYR A 171 -2.96 13.77 -6.44
C TYR A 171 -2.27 12.62 -7.18
N ALA A 172 -3.07 11.62 -7.63
CA ALA A 172 -2.50 10.55 -8.44
C ALA A 172 -1.84 11.10 -9.69
N ASP A 173 -2.50 12.00 -10.36
CA ASP A 173 -1.93 12.60 -11.57
C ASP A 173 -0.56 13.23 -11.33
N LEU A 174 -0.48 13.98 -10.23
N LEU A 174 -0.48 14.00 -10.24
CA LEU A 174 0.77 14.62 -9.83
CA LEU A 174 0.76 14.64 -9.84
C LEU A 174 1.89 13.57 -9.66
C LEU A 174 1.89 13.64 -9.58
N LEU A 175 1.56 12.51 -8.93
CA LEU A 175 2.53 11.48 -8.67
C LEU A 175 2.89 10.67 -9.92
N THR A 176 1.94 10.49 -10.86
CA THR A 176 2.28 9.84 -12.12
C THR A 176 3.31 10.63 -12.91
N GLU A 177 3.21 11.96 -12.90
CA GLU A 177 4.19 12.74 -13.62
CA GLU A 177 4.17 12.89 -13.55
C GLU A 177 5.54 12.72 -12.93
N ARG A 178 5.56 12.66 -11.59
CA ARG A 178 6.83 12.52 -10.88
C ARG A 178 7.52 11.22 -11.27
N ILE A 179 6.74 10.16 -11.49
CA ILE A 179 7.28 8.87 -11.97
C ILE A 179 7.77 8.94 -13.41
N LYS A 180 6.94 9.51 -14.27
CA LYS A 180 7.23 9.46 -15.72
CA LYS A 180 7.28 9.42 -15.71
C LYS A 180 8.47 10.30 -16.07
N THR A 181 8.47 11.53 -15.60
CA THR A 181 9.50 12.51 -15.98
C THR A 181 10.14 13.30 -14.84
N GLY A 182 9.55 13.27 -13.66
CA GLY A 182 9.93 14.16 -12.57
C GLY A 182 10.81 13.50 -11.54
N THR A 183 10.55 13.86 -10.28
CA THR A 183 11.51 13.59 -9.25
CA THR A 183 11.37 13.53 -9.07
C THR A 183 11.74 12.08 -8.98
N TYR A 184 10.83 11.19 -9.37
CA TYR A 184 11.04 9.74 -9.17
C TYR A 184 11.52 9.02 -10.44
N SER A 185 11.67 9.75 -11.54
CA SER A 185 11.86 9.07 -12.83
C SER A 185 13.18 8.29 -12.91
N SER A 186 14.21 8.76 -12.22
CA SER A 186 15.50 8.04 -12.22
C SER A 186 15.47 6.80 -11.35
N LYS A 187 14.50 6.69 -10.44
CA LYS A 187 14.39 5.59 -9.47
C LYS A 187 13.44 4.47 -9.82
N LYS A 188 12.50 4.71 -10.73
CA LYS A 188 11.38 3.77 -10.95
CA LYS A 188 11.40 3.78 -10.91
C LYS A 188 11.87 2.42 -11.39
N ASP A 189 12.98 2.33 -12.12
CA ASP A 189 13.58 1.03 -12.52
CA ASP A 189 13.35 1.02 -12.50
C ASP A 189 13.89 0.20 -11.30
N SER A 190 14.43 0.88 -10.27
CA SER A 190 14.74 0.17 -9.07
C SER A 190 13.50 -0.32 -8.35
N TRP A 191 12.40 0.45 -8.46
CA TRP A 191 11.18 0.12 -7.73
C TRP A 191 10.63 -1.27 -8.14
N THR A 192 10.92 -1.71 -9.36
CA THR A 192 10.46 -3.03 -9.84
C THR A 192 11.56 -4.06 -9.87
N ASP A 193 12.76 -3.72 -9.43
CA ASP A 193 13.85 -4.70 -9.34
C ASP A 193 13.47 -5.82 -8.38
N GLY A 194 13.77 -7.06 -8.76
CA GLY A 194 13.51 -8.18 -7.92
C GLY A 194 12.11 -8.78 -8.04
N ILE A 195 11.21 -8.11 -8.74
CA ILE A 195 9.83 -8.62 -8.81
C ILE A 195 9.83 -10.02 -9.48
N ASP A 196 9.16 -10.97 -8.88
CA ASP A 196 9.21 -12.37 -9.35
C ASP A 196 7.84 -12.96 -9.14
N ILE A 197 7.11 -13.14 -10.24
CA ILE A 197 5.76 -13.67 -10.18
C ILE A 197 5.70 -15.08 -9.61
N LYS A 198 6.80 -15.83 -9.71
CA LYS A 198 6.85 -17.18 -9.14
CA LYS A 198 6.87 -17.17 -9.14
C LYS A 198 7.19 -17.18 -7.65
N ASP A 199 7.43 -16.01 -7.05
CA ASP A 199 7.75 -15.94 -5.64
C ASP A 199 7.10 -14.71 -5.03
N PRO A 200 5.78 -14.76 -4.80
CA PRO A 200 5.09 -13.61 -4.19
C PRO A 200 5.58 -13.24 -2.80
N VAL A 201 6.00 -14.22 -2.00
CA VAL A 201 6.50 -13.92 -0.65
C VAL A 201 7.75 -13.07 -0.75
N SER A 202 8.76 -13.54 -1.48
CA SER A 202 9.98 -12.76 -1.59
CA SER A 202 9.99 -12.76 -1.53
C SER A 202 9.74 -11.39 -2.16
N THR A 203 8.90 -11.35 -3.20
CA THR A 203 8.62 -10.08 -3.90
C THR A 203 8.04 -9.06 -2.91
N SER A 204 6.95 -9.46 -2.25
CA SER A 204 6.28 -8.54 -1.38
C SER A 204 7.11 -8.22 -0.13
N MET A 205 8.00 -9.13 0.29
CA MET A 205 8.94 -8.81 1.35
C MET A 205 9.92 -7.71 0.97
N ILE A 206 10.33 -7.63 -0.31
CA ILE A 206 11.14 -6.48 -0.72
C ILE A 206 10.42 -5.19 -0.33
N TRP A 207 9.15 -5.13 -0.66
CA TRP A 207 8.36 -3.93 -0.48
C TRP A 207 8.11 -3.64 0.98
N ALA A 208 7.79 -4.69 1.77
CA ALA A 208 7.55 -4.52 3.20
C ALA A 208 8.81 -4.07 3.93
N ALA A 209 9.95 -4.70 3.60
CA ALA A 209 11.20 -4.31 4.24
C ALA A 209 11.55 -2.86 3.88
N ASP A 210 11.34 -2.49 2.61
CA ASP A 210 11.57 -1.09 2.16
C ASP A 210 10.72 -0.14 3.01
N ALA A 211 9.41 -0.36 3.04
CA ALA A 211 8.54 0.51 3.82
C ALA A 211 8.91 0.54 5.29
N ASN A 212 9.28 -0.62 5.84
CA ASN A 212 9.65 -0.69 7.27
C ASN A 212 10.88 0.17 7.59
N THR A 213 11.80 0.37 6.66
CA THR A 213 12.95 1.22 6.98
C THR A 213 12.49 2.60 7.43
N TYR A 214 11.38 3.09 6.90
CA TYR A 214 10.89 4.42 7.22
C TYR A 214 10.25 4.49 8.58
N VAL A 215 9.93 3.35 9.19
CA VAL A 215 9.51 3.39 10.61
C VAL A 215 10.61 4.02 11.48
N CYS A 216 11.86 3.56 11.24
CA CYS A 216 12.97 4.11 12.00
C CYS A 216 13.47 5.46 11.52
N SER A 217 13.42 5.71 10.21
CA SER A 217 13.97 6.98 9.69
C SER A 217 13.03 8.16 9.78
N THR A 218 11.72 7.89 9.84
CA THR A 218 10.72 8.93 9.68
C THR A 218 9.56 8.84 10.63
N VAL A 219 8.99 7.67 10.85
CA VAL A 219 7.78 7.60 11.65
C VAL A 219 8.06 7.86 13.14
N LEU A 220 9.10 7.21 13.64
CA LEU A 220 9.35 7.18 15.09
C LEU A 220 10.69 7.79 15.53
N ASP A 221 11.46 8.31 14.54
N ASP A 221 11.59 8.22 14.67
CA ASP A 221 12.78 8.86 14.80
CA ASP A 221 12.86 8.67 15.24
C ASP A 221 12.75 10.00 15.86
C ASP A 221 12.80 10.04 15.95
N ASP A 222 11.69 10.77 15.87
CA ASP A 222 11.60 11.96 16.76
C ASP A 222 11.50 11.57 18.22
N GLY A 223 11.13 10.32 18.52
CA GLY A 223 10.93 9.83 19.85
C GLY A 223 9.51 10.09 20.34
N LEU A 224 9.05 9.19 21.18
CA LEU A 224 7.71 9.35 21.71
C LEU A 224 7.55 10.56 22.64
N ALA A 225 8.64 11.06 23.26
CA ALA A 225 8.48 12.26 24.09
C ALA A 225 7.90 13.40 23.24
N TYR A 226 8.47 13.59 22.06
CA TYR A 226 8.03 14.59 21.11
C TYR A 226 6.67 14.18 20.50
N ILE A 227 6.58 12.94 20.00
CA ILE A 227 5.40 12.51 19.26
C ILE A 227 4.12 12.57 20.08
N ASN A 228 4.23 12.26 21.38
CA ASN A 228 3.07 12.27 22.24
C ASN A 228 2.59 13.69 22.61
N SER A 229 3.47 14.67 22.47
CA SER A 229 3.23 15.97 23.08
C SER A 229 3.17 17.17 22.16
N THR A 230 3.51 17.00 20.88
CA THR A 230 3.60 18.10 19.95
C THR A 230 2.52 17.94 18.93
N ASP A 231 1.95 19.03 18.45
CA ASP A 231 0.98 18.92 17.37
C ASP A 231 1.71 18.47 16.10
N LEU A 232 1.30 17.32 15.54
CA LEU A 232 2.08 16.68 14.49
C LEU A 232 1.76 17.27 13.10
N SER A 233 0.89 18.29 13.03
CA SER A 233 0.69 19.05 11.82
C SER A 233 1.82 20.01 11.49
N GLY A 234 2.78 20.15 12.40
CA GLY A 234 3.94 21.05 12.20
C GLY A 234 5.08 20.35 11.48
N GLU A 235 6.24 20.31 12.12
CA GLU A 235 7.43 19.77 11.50
C GLU A 235 7.28 18.28 11.19
N TYR A 236 6.51 17.55 11.99
CA TYR A 236 6.33 16.11 11.77
C TYR A 236 5.71 15.89 10.37
N TYR A 237 4.64 16.61 10.09
CA TYR A 237 4.05 16.58 8.72
C TYR A 237 5.07 16.99 7.70
N ASP A 238 5.78 18.09 7.94
CA ASP A 238 6.68 18.60 6.92
C ASP A 238 7.71 17.54 6.51
N LYS A 239 8.29 16.82 7.46
CA LYS A 239 9.29 15.84 7.09
CA LYS A 239 9.30 15.82 7.16
C LYS A 239 8.68 14.54 6.61
N SER A 240 7.43 14.27 6.97
CA SER A 240 6.78 13.03 6.56
C SER A 240 6.28 13.10 5.12
N GLN A 241 5.84 14.27 4.69
CA GLN A 241 5.22 14.42 3.35
C GLN A 241 6.02 13.79 2.23
N PRO A 242 7.30 14.12 2.03
CA PRO A 242 8.00 13.51 0.88
C PRO A 242 8.10 12.00 1.01
N VAL A 243 8.16 11.50 2.22
CA VAL A 243 8.26 10.06 2.45
C VAL A 243 6.97 9.32 2.06
N PHE A 244 5.82 9.75 2.58
CA PHE A 244 4.60 9.08 2.18
C PHE A 244 4.26 9.31 0.72
N GLU A 245 4.62 10.46 0.15
CA GLU A 245 4.35 10.65 -1.30
C GLU A 245 5.15 9.64 -2.12
N GLU A 246 6.42 9.45 -1.80
CA GLU A 246 7.19 8.48 -2.58
CA GLU A 246 7.24 8.48 -2.54
C GLU A 246 6.70 7.06 -2.34
N LEU A 247 6.26 6.73 -1.12
CA LEU A 247 5.73 5.41 -0.86
C LEU A 247 4.39 5.15 -1.59
N ILE A 248 3.52 6.15 -1.66
CA ILE A 248 2.27 6.01 -2.43
C ILE A 248 2.60 5.79 -3.91
N ALA A 249 3.55 6.55 -4.45
CA ALA A 249 3.97 6.39 -5.82
C ALA A 249 4.53 4.98 -6.06
N LYS A 250 5.41 4.52 -5.17
CA LYS A 250 5.94 3.17 -5.24
C LYS A 250 4.84 2.14 -5.24
N ALA A 251 3.86 2.31 -4.37
CA ALA A 251 2.78 1.34 -4.26
C ALA A 251 2.03 1.23 -5.59
N GLY A 252 1.70 2.36 -6.18
CA GLY A 252 0.95 2.33 -7.43
C GLY A 252 1.78 1.72 -8.57
N TYR A 253 3.06 2.07 -8.62
CA TYR A 253 3.93 1.58 -9.70
C TYR A 253 4.19 0.09 -9.57
N ARG A 254 4.44 -0.37 -8.34
CA ARG A 254 4.64 -1.77 -8.07
C ARG A 254 3.36 -2.57 -8.28
N LEU A 255 2.21 -2.03 -7.89
CA LEU A 255 0.93 -2.67 -8.17
C LEU A 255 0.77 -2.85 -9.69
N ALA A 256 1.05 -1.84 -10.47
CA ALA A 256 0.91 -1.96 -11.94
C ALA A 256 1.82 -3.08 -12.45
N ALA A 257 3.07 -3.12 -12.01
CA ALA A 257 4.01 -4.11 -12.49
C ALA A 257 3.57 -5.51 -12.12
N TRP A 258 3.00 -5.68 -10.94
CA TRP A 258 2.54 -6.97 -10.47
C TRP A 258 1.31 -7.42 -11.26
N LEU A 259 0.36 -6.49 -11.46
CA LEU A 259 -0.80 -6.80 -12.30
C LEU A 259 -0.38 -7.19 -13.72
N ASP A 260 0.60 -6.48 -14.28
CA ASP A 260 1.09 -6.87 -15.61
C ASP A 260 1.57 -8.31 -15.62
N LEU A 261 2.32 -8.74 -14.63
CA LEU A 261 2.76 -10.12 -14.55
C LEU A 261 1.63 -11.11 -14.41
N ILE A 262 0.66 -10.81 -13.57
CA ILE A 262 -0.48 -11.71 -13.41
C ILE A 262 -1.24 -11.85 -14.74
N ALA A 263 -1.47 -10.74 -15.42
CA ALA A 263 -2.24 -10.73 -16.67
C ALA A 263 -1.49 -11.38 -17.81
N SER A 264 -0.17 -11.50 -17.68
CA SER A 264 0.70 -12.10 -18.70
C SER A 264 0.97 -13.59 -18.41
N GLN A 265 0.27 -14.21 -17.48
CA GLN A 265 0.45 -15.61 -17.14
C GLN A 265 0.41 -16.45 -18.39
N PRO A 266 1.33 -17.41 -18.49
CA PRO A 266 1.46 -18.17 -19.73
C PRO A 266 0.30 -19.09 -19.94
N SER A 267 0.09 -19.34 -21.26
N SER A 267 -0.33 -19.03 -21.09
CA SER A 267 -0.59 -20.51 -21.86
CA SER A 267 -1.73 -19.48 -21.17
C SER A 267 0.32 -21.39 -22.75
C SER A 267 -2.10 -19.78 -22.60
ZN ZN B . -5.00 1.29 3.97
ZN ZN C . -6.43 -2.12 4.62
ZN ZN D . -3.93 1.59 8.19
C1 NAG E . -6.62 -17.97 0.59
C2 NAG E . -6.72 -18.32 2.09
C3 NAG E . -7.88 -19.23 2.32
C4 NAG E . -9.15 -18.59 1.72
C5 NAG E . -8.93 -18.14 0.28
C6 NAG E . -10.11 -17.34 -0.28
C7 NAG E . -4.50 -18.39 3.14
C8 NAG E . -3.37 -19.30 3.55
N2 NAG E . -5.51 -19.00 2.53
O3 NAG E . -8.03 -19.49 3.73
O4 NAG E . -10.22 -19.55 1.70
O5 NAG E . -7.79 -17.31 0.18
O6 NAG E . -10.29 -16.15 0.51
O7 NAG E . -4.48 -17.18 3.36
C1 NAG F . 4.07 8.13 24.82
C2 NAG F . 4.84 7.91 26.15
C3 NAG F . 4.79 6.45 26.56
C4 NAG F . 3.38 5.89 26.49
C5 NAG F . 2.75 6.22 25.13
C6 NAG F . 1.31 5.77 24.97
C7 NAG F . 6.64 9.58 26.41
C8 NAG F . 8.13 9.76 26.38
N2 NAG F . 6.21 8.33 26.12
O3 NAG F . 5.29 6.32 27.89
O4 NAG F . 3.43 4.48 26.67
O5 NAG F . 2.76 7.61 24.93
O6 NAG F . 0.90 5.88 23.61
O7 NAG F . 5.88 10.51 26.65
N1 DCM G . -3.71 -2.15 11.72
C2 DCM G . -2.35 -2.34 11.42
N3 DCM G . -1.62 -3.08 12.31
C4 DCM G . -2.17 -3.70 13.37
C5 DCM G . -3.55 -3.50 13.67
C6 DCM G . -4.26 -2.73 12.85
O2 DCM G . -1.82 -1.85 10.40
N4 DCM G . -1.40 -4.47 14.15
C1' DCM G . -4.54 -1.33 10.83
C1' DCM G . -4.55 -1.39 10.75
C1' DCM G . -4.55 -1.32 10.84
C2' DCM G . -5.73 -2.07 10.25
C2' DCM G . -5.81 -2.14 10.32
C2' DCM G . -5.76 -2.05 10.28
C3' DCM G . -6.96 -1.37 10.81
C3' DCM G . -6.96 -1.37 10.96
C3' DCM G . -6.97 -1.41 10.95
C4' DCM G . -6.44 -0.06 11.36
C4' DCM G . -6.38 0.03 11.12
C4' DCM G . -6.44 -0.06 11.42
O4' DCM G . -5.05 -0.27 11.64
O4' DCM G . -4.98 -0.19 11.38
O4' DCM G . -5.04 -0.25 11.64
O3' DCM G . -7.89 -1.05 9.78
O3' DCM G . -8.11 -1.45 10.13
O3' DCM G . -8.05 -1.22 10.04
C5' DCM G . -7.16 0.37 12.62
C5' DCM G . -6.98 0.86 12.24
C5' DCM G . -7.09 0.41 12.69
O5' DCM G . -7.03 -0.67 13.61
O5' DCM G . -6.59 2.23 12.06
O5' DCM G . -6.96 -0.67 13.64
P DCM G . -8.33 -1.11 14.41
P DCM G . -7.37 3.45 12.74
P DCM G . -7.51 -0.57 15.13
O1P DCM G . -8.98 0.10 14.91
O1P DCM G . -6.31 4.39 13.19
O1P DCM G . -8.06 0.83 15.21
O2P DCM G . -7.73 -1.88 15.55
O2P DCM G . -8.14 2.88 13.90
O2P DCM G . -6.23 -0.73 15.88
O3P DCM G . -9.23 -1.98 13.63
O3P DCM G . -8.25 3.95 11.66
O3P DCM G . -8.62 -1.57 15.35
N1 DCM H . -11.70 1.60 9.83
C2 DCM H . -12.98 1.31 10.31
N3 DCM H . -13.13 1.13 11.63
C4 DCM H . -12.12 1.26 12.49
C5 DCM H . -10.83 1.62 12.04
C6 DCM H . -10.65 1.77 10.72
O2 DCM H . -13.94 1.25 9.56
N4 DCM H . -12.33 1.04 13.79
C1' DCM H . -11.50 1.76 8.38
C2' DCM H . -11.38 3.21 7.96
C3' DCM H . -9.90 3.36 7.66
C4' DCM H . -9.48 1.96 7.22
O4' DCM H . -10.30 1.09 8.00
O3' DCM H . -9.63 4.34 6.68
C5' DCM H . -8.04 1.69 7.52
O5' DCM H . -7.69 0.38 7.08
P DCM H . -6.16 0.09 6.80
O1P DCM H . -5.62 1.01 5.79
O2P DCM H . -6.13 -1.39 6.41
O3P DCM H . -5.45 0.36 8.12
NA NA I . 17.97 4.24 -11.32
#